data_9JTA
#
_entry.id   9JTA
#
_cell.length_a   68.609
_cell.length_b   68.609
_cell.length_c   147.694
_cell.angle_alpha   90.000
_cell.angle_beta   90.000
_cell.angle_gamma   90.000
#
_symmetry.space_group_name_H-M   'P 41 21 2'
#
loop_
_entity.id
_entity.type
_entity.pdbx_description
1 polymer 'RING-type E3 ubiquitin transferase'
2 polymer 'E3 ubiquitin-protein ligase RNF213'
3 non-polymer 'ZINC ION'
4 water water
#
loop_
_entity_poly.entity_id
_entity_poly.type
_entity_poly.pdbx_seq_one_letter_code
_entity_poly.pdbx_strand_id
1 'polypeptide(L)'
;MNEFYLKTWSEWEKNGTPGEQRNIAFNRLKICLQNQEAELNLSELDLKTLPDLPPQITTLEIRKNLLTHLPDLPPMLKVI
HAQFNQLESLPALPETLEELNAGDNKIKELPFLPENLTHLRVHNNRLHILPLLPPELKLLVVSGNRLDSIPPFPDKLEGL
ALANNFIEQLPELPFSMNRAVLMNNNLTTLPESVLRLAQNAFVNVAGNPLSGHTMRTLQQITTGPDYSGPRIFFS
;
B
2 'polypeptide(L)' SRFGIQPCSICLGDAKDPVCLPCDHVHCLRCLRAWFASEQMICPYCLTALPDEFSPAVSQAHREAIE C
#
loop_
_chem_comp.id
_chem_comp.type
_chem_comp.name
_chem_comp.formula
ZN non-polymer 'ZINC ION' 'Zn 2'
#
# COMPACT_ATOMS: atom_id res chain seq x y z
N MET A 1 13.40 8.38 30.31
CA MET A 1 13.21 8.19 31.73
C MET A 1 14.00 7.00 32.23
N ASN A 2 13.77 5.85 31.63
CA ASN A 2 14.51 4.67 31.96
C ASN A 2 15.96 4.96 31.60
N GLU A 3 16.89 4.62 32.47
CA GLU A 3 18.30 4.88 32.23
C GLU A 3 18.93 3.96 31.20
N PHE A 4 18.44 2.75 31.08
CA PHE A 4 18.98 1.84 30.09
C PHE A 4 18.64 2.28 28.67
N TYR A 5 17.41 2.75 28.43
CA TYR A 5 17.07 3.27 27.12
C TYR A 5 17.89 4.52 26.80
N LEU A 6 18.12 5.40 27.79
CA LEU A 6 18.90 6.60 27.53
C LEU A 6 20.32 6.27 27.09
N LYS A 7 20.96 5.30 27.75
CA LYS A 7 22.33 4.94 27.38
C LYS A 7 22.39 4.39 25.95
N THR A 8 21.45 3.51 25.59
CA THR A 8 21.40 3.00 24.23
C THR A 8 21.18 4.12 23.22
N TRP A 9 20.29 5.04 23.54
CA TRP A 9 19.95 6.09 22.59
C TRP A 9 21.08 7.11 22.46
N SER A 10 21.75 7.45 23.57
CA SER A 10 22.85 8.40 23.46
C SER A 10 24.00 7.82 22.64
N GLU A 11 24.27 6.51 22.77
CA GLU A 11 25.29 5.89 21.92
C GLU A 11 24.86 5.88 20.46
N TRP A 12 23.59 5.56 20.20
CA TRP A 12 23.07 5.59 18.84
C TRP A 12 23.17 6.99 18.24
N GLU A 13 22.85 8.01 19.04
CA GLU A 13 22.90 9.39 18.58
C GLU A 13 24.29 9.80 18.11
N LYS A 14 25.33 9.25 18.74
CA LYS A 14 26.71 9.62 18.42
C LYS A 14 27.29 8.83 17.25
N ASN A 15 26.53 7.88 16.69
CA ASN A 15 27.07 6.90 15.76
C ASN A 15 26.52 7.08 14.35
N GLY A 16 26.04 8.26 14.00
CA GLY A 16 25.42 8.49 12.72
C GLY A 16 26.32 9.21 11.74
N THR A 17 26.06 9.00 10.46
CA THR A 17 26.73 9.74 9.40
C THR A 17 26.18 11.18 9.34
N PRO A 18 26.93 12.11 8.75
CA PRO A 18 26.59 13.54 8.93
C PRO A 18 25.20 13.93 8.48
N GLY A 19 24.63 13.26 7.47
CA GLY A 19 23.31 13.64 7.00
C GLY A 19 22.16 13.29 7.95
N GLU A 20 22.37 12.37 8.89
CA GLU A 20 21.27 11.89 9.72
C GLU A 20 20.98 12.84 10.87
N GLN A 21 19.69 13.11 11.09
CA GLN A 21 19.26 14.04 12.14
C GLN A 21 19.00 13.28 13.45
N ARG A 22 20.07 12.70 13.98
CA ARG A 22 19.94 11.82 15.14
C ARG A 22 19.70 12.60 16.43
N ASN A 23 20.16 13.84 16.52
CA ASN A 23 19.91 14.61 17.74
C ASN A 23 18.42 14.92 17.91
N ILE A 24 17.74 15.27 16.81
CA ILE A 24 16.29 15.46 16.88
C ILE A 24 15.61 14.15 17.28
N ALA A 25 16.02 13.05 16.64
CA ALA A 25 15.43 11.75 16.92
C ALA A 25 15.68 11.35 18.37
N PHE A 26 16.90 11.58 18.86
CA PHE A 26 17.22 11.28 20.26
C PHE A 26 16.33 12.04 21.21
N ASN A 27 16.09 13.34 20.93
CA ASN A 27 15.21 14.11 21.79
C ASN A 27 13.77 13.61 21.72
N ARG A 28 13.32 13.22 20.52
CA ARG A 28 11.97 12.69 20.38
C ARG A 28 11.82 11.35 21.09
N LEU A 29 12.86 10.51 21.03
CA LEU A 29 12.78 9.22 21.73
C LEU A 29 12.66 9.43 23.23
N LYS A 30 13.44 10.35 23.80
CA LYS A 30 13.39 10.62 25.24
C LYS A 30 12.01 11.09 25.66
N ILE A 31 11.45 12.03 24.91
CA ILE A 31 10.16 12.60 25.29
C ILE A 31 9.05 11.58 25.13
N CYS A 32 9.15 10.73 24.11
CA CYS A 32 8.18 9.66 23.92
C CYS A 32 8.18 8.73 25.13
N LEU A 33 9.35 8.33 25.60
CA LEU A 33 9.41 7.40 26.72
C LEU A 33 9.04 8.08 28.03
N GLN A 34 9.52 9.29 28.21
CA GLN A 34 9.27 9.97 29.48
C GLN A 34 7.77 10.20 29.72
N ASN A 35 7.06 10.63 28.67
CA ASN A 35 5.63 10.93 28.79
C ASN A 35 4.75 9.76 28.39
N GLN A 36 5.36 8.61 28.10
CA GLN A 36 4.66 7.41 27.64
C GLN A 36 3.64 7.73 26.55
N GLU A 37 4.11 8.41 25.51
CA GLU A 37 3.23 8.83 24.43
C GLU A 37 2.82 7.65 23.56
N ALA A 38 1.71 7.77 22.87
CA ALA A 38 1.24 6.69 22.02
C ALA A 38 1.93 6.63 20.67
N GLU A 39 2.41 7.76 20.20
CA GLU A 39 3.03 7.84 18.91
C GLU A 39 4.47 8.26 18.91
N LEU A 40 5.30 7.60 18.15
CA LEU A 40 6.65 8.06 17.99
C LEU A 40 6.74 8.48 16.55
N ASN A 41 7.14 9.73 16.32
CA ASN A 41 7.32 10.22 14.97
C ASN A 41 8.76 10.54 14.68
N LEU A 42 9.40 9.72 13.86
CA LEU A 42 10.76 9.96 13.44
C LEU A 42 10.81 10.12 11.91
N SER A 43 9.70 10.54 11.34
CA SER A 43 9.63 10.67 9.89
C SER A 43 10.48 11.84 9.40
N GLU A 44 11.02 11.68 8.18
CA GLU A 44 11.71 12.76 7.44
C GLU A 44 12.94 13.26 8.19
N LEU A 45 13.68 12.34 8.80
CA LEU A 45 14.88 12.71 9.55
C LEU A 45 16.17 12.16 8.94
N ASP A 46 16.11 11.65 7.70
CA ASP A 46 17.28 11.13 6.97
C ASP A 46 17.98 10.02 7.75
N LEU A 47 17.24 9.21 8.52
CA LEU A 47 17.85 8.21 9.38
C LEU A 47 18.17 6.94 8.60
N LYS A 48 19.34 6.35 8.89
CA LYS A 48 19.78 5.12 8.25
C LYS A 48 19.53 3.88 9.10
N THR A 49 19.46 4.03 10.43
CA THR A 49 19.02 2.96 11.33
C THR A 49 18.14 3.57 12.43
N LEU A 50 17.38 2.70 13.12
CA LEU A 50 16.70 3.06 14.36
C LEU A 50 17.22 2.22 15.53
N PRO A 51 17.27 2.79 16.73
CA PRO A 51 17.66 2.01 17.92
C PRO A 51 16.46 1.28 18.51
N ASP A 52 16.65 0.63 19.68
CA ASP A 52 15.53 0.04 20.42
C ASP A 52 14.39 1.04 20.56
N LEU A 53 13.14 0.59 20.27
CA LEU A 53 12.03 1.53 20.29
C LEU A 53 11.36 1.56 21.66
N PRO A 54 10.76 2.69 22.04
CA PRO A 54 9.97 2.76 23.27
C PRO A 54 8.86 1.72 23.25
N PRO A 55 8.73 0.91 24.31
CA PRO A 55 7.90 -0.31 24.22
C PRO A 55 6.40 -0.10 24.26
N GLN A 56 5.93 1.09 24.63
CA GLN A 56 4.50 1.36 24.84
C GLN A 56 3.80 1.97 23.63
N ILE A 57 4.52 2.29 22.54
CA ILE A 57 3.88 3.02 21.46
C ILE A 57 2.87 2.15 20.73
N THR A 58 1.82 2.81 20.24
CA THR A 58 0.77 2.17 19.47
C THR A 58 0.84 2.63 18.01
N THR A 59 1.50 3.74 17.74
CA THR A 59 1.72 4.21 16.36
C THR A 59 3.21 4.48 16.10
N LEU A 60 3.76 3.90 15.04
CA LEU A 60 5.15 4.19 14.67
C LEU A 60 5.17 4.91 13.32
N GLU A 61 5.61 6.15 13.33
CA GLU A 61 5.61 6.97 12.13
C GLU A 61 7.04 7.21 11.76
N ILE A 62 7.49 6.51 10.73
CA ILE A 62 8.90 6.57 10.36
C ILE A 62 9.07 6.71 8.84
N ARG A 63 8.06 7.24 8.15
CA ARG A 63 8.13 7.35 6.70
C ARG A 63 9.25 8.31 6.28
N LYS A 64 9.71 8.15 5.04
CA LYS A 64 10.62 9.11 4.41
C LYS A 64 11.94 9.21 5.18
N ASN A 65 12.56 8.06 5.41
CA ASN A 65 13.92 8.02 5.95
C ASN A 65 14.74 7.17 4.97
N LEU A 66 15.90 6.71 5.42
CA LEU A 66 16.77 5.87 4.59
C LEU A 66 16.97 4.49 5.20
N LEU A 67 15.94 3.94 5.85
CA LEU A 67 16.11 2.71 6.62
C LEU A 67 16.19 1.48 5.72
N THR A 68 17.10 0.56 6.06
CA THR A 68 17.18 -0.70 5.34
C THR A 68 16.62 -1.87 6.11
N HIS A 69 16.64 -1.81 7.45
CA HIS A 69 15.98 -2.78 8.30
C HIS A 69 15.36 -2.05 9.48
N LEU A 70 14.45 -2.72 10.18
CA LEU A 70 13.85 -2.16 11.38
C LEU A 70 14.29 -2.96 12.62
N PRO A 71 14.37 -2.32 13.77
CA PRO A 71 14.60 -3.07 15.01
C PRO A 71 13.35 -3.84 15.38
N ASP A 72 13.42 -4.65 16.44
CA ASP A 72 12.23 -5.37 16.89
C ASP A 72 11.07 -4.41 17.12
N LEU A 73 9.89 -4.81 16.69
CA LEU A 73 8.70 -3.96 16.79
C LEU A 73 8.01 -4.18 18.12
N PRO A 74 7.78 -3.11 18.90
CA PRO A 74 7.19 -3.28 20.23
C PRO A 74 5.80 -3.88 20.13
N PRO A 75 5.35 -4.58 21.18
CA PRO A 75 4.17 -5.45 21.07
C PRO A 75 2.82 -4.77 21.29
N MET A 76 2.73 -3.45 21.39
CA MET A 76 1.44 -2.77 21.46
C MET A 76 1.09 -2.08 20.12
N LEU A 77 1.99 -2.12 19.15
CA LEU A 77 1.82 -1.34 17.91
C LEU A 77 0.56 -1.73 17.16
N LYS A 78 -0.18 -0.72 16.73
CA LYS A 78 -1.39 -0.93 15.95
C LYS A 78 -1.20 -0.35 14.55
N VAL A 79 -0.43 0.71 14.43
CA VAL A 79 -0.19 1.38 13.15
C VAL A 79 1.29 1.59 12.85
N ILE A 80 1.76 1.16 11.69
CA ILE A 80 3.13 1.43 11.27
C ILE A 80 3.15 2.12 9.91
N HIS A 81 3.80 3.28 9.84
CA HIS A 81 3.96 4.00 8.57
C HIS A 81 5.43 4.03 8.26
N ALA A 82 5.86 3.16 7.36
CA ALA A 82 7.28 3.00 7.04
C ALA A 82 7.52 3.19 5.55
N GLN A 83 6.58 3.84 4.84
CA GLN A 83 6.75 4.01 3.40
C GLN A 83 7.90 4.97 3.09
N PHE A 84 8.44 4.84 1.88
CA PHE A 84 9.54 5.69 1.40
C PHE A 84 10.78 5.54 2.29
N ASN A 85 11.24 4.29 2.40
CA ASN A 85 12.52 3.98 3.01
C ASN A 85 13.26 3.14 1.97
N GLN A 86 14.26 2.40 2.41
CA GLN A 86 15.01 1.48 1.55
C GLN A 86 14.94 0.05 2.10
N LEU A 87 13.79 -0.32 2.65
CA LEU A 87 13.71 -1.55 3.44
C LEU A 87 13.83 -2.79 2.57
N GLU A 88 14.63 -3.75 3.02
CA GLU A 88 14.78 -5.03 2.32
C GLU A 88 13.97 -6.15 2.96
N SER A 89 13.53 -5.97 4.20
CA SER A 89 12.68 -6.94 4.88
C SER A 89 11.99 -6.22 6.02
N LEU A 90 10.97 -6.88 6.57
CA LEU A 90 10.34 -6.43 7.81
C LEU A 90 10.56 -7.45 8.92
N PRO A 91 10.67 -7.02 10.17
CA PRO A 91 10.78 -7.98 11.29
C PRO A 91 9.40 -8.60 11.55
N ALA A 92 9.37 -9.56 12.47
CA ALA A 92 8.09 -10.18 12.84
C ALA A 92 7.08 -9.13 13.30
N LEU A 93 5.84 -9.25 12.81
CA LEU A 93 4.84 -8.21 13.04
C LEU A 93 4.05 -8.47 14.33
N PRO A 94 3.84 -7.44 15.14
CA PRO A 94 3.11 -7.63 16.40
C PRO A 94 1.67 -8.10 16.15
N GLU A 95 1.18 -8.95 17.06
CA GLU A 95 -0.18 -9.46 16.98
C GLU A 95 -1.23 -8.34 17.02
N THR A 96 -0.89 -7.19 17.61
CA THR A 96 -1.82 -6.06 17.70
C THR A 96 -1.93 -5.24 16.42
N LEU A 97 -1.07 -5.49 15.44
CA LEU A 97 -0.95 -4.59 14.28
C LEU A 97 -2.24 -4.60 13.44
N GLU A 98 -2.76 -3.43 13.14
CA GLU A 98 -3.94 -3.30 12.30
C GLU A 98 -3.65 -2.64 10.96
N GLU A 99 -2.80 -1.63 10.95
CA GLU A 99 -2.46 -0.93 9.72
C GLU A 99 -0.97 -0.89 9.43
N LEU A 100 -0.58 -1.35 8.25
CA LEU A 100 0.79 -1.32 7.83
C LEU A 100 0.95 -0.69 6.47
N ASN A 101 1.81 0.30 6.37
CA ASN A 101 2.14 0.88 5.07
C ASN A 101 3.63 0.79 4.96
N ALA A 102 4.09 -0.05 4.06
CA ALA A 102 5.51 -0.20 3.79
C ALA A 102 5.77 -0.01 2.30
N GLY A 103 4.95 0.81 1.64
CA GLY A 103 5.11 1.00 0.21
C GLY A 103 6.37 1.77 -0.10
N ASP A 104 6.80 1.70 -1.36
CA ASP A 104 8.01 2.41 -1.80
C ASP A 104 9.23 2.03 -0.96
N ASN A 105 9.52 0.74 -0.98
CA ASN A 105 10.68 0.15 -0.33
C ASN A 105 11.27 -0.84 -1.31
N LYS A 106 12.11 -1.77 -0.83
CA LYS A 106 12.75 -2.78 -1.68
C LYS A 106 12.52 -4.19 -1.14
N ILE A 107 11.34 -4.44 -0.58
CA ILE A 107 11.06 -5.68 0.15
C ILE A 107 10.80 -6.80 -0.84
N LYS A 108 11.47 -7.94 -0.66
CA LYS A 108 11.29 -9.07 -1.55
C LYS A 108 10.27 -10.09 -1.06
N GLU A 109 10.11 -10.21 0.26
CA GLU A 109 9.22 -11.17 0.88
C GLU A 109 8.69 -10.57 2.18
N LEU A 110 7.44 -10.83 2.47
CA LEU A 110 6.86 -10.35 3.72
C LEU A 110 6.85 -11.43 4.79
N PRO A 111 6.89 -11.06 6.07
CA PRO A 111 6.67 -12.04 7.15
C PRO A 111 5.19 -12.38 7.27
N PHE A 112 4.89 -13.37 8.13
CA PHE A 112 3.50 -13.74 8.41
C PHE A 112 2.67 -12.49 8.69
N LEU A 113 1.47 -12.44 8.16
CA LEU A 113 0.58 -11.30 8.44
C LEU A 113 -0.27 -11.63 9.66
N PRO A 114 -0.32 -10.77 10.66
CA PRO A 114 -1.01 -11.13 11.89
C PRO A 114 -2.53 -11.06 11.78
N GLU A 115 -3.18 -11.69 12.77
CA GLU A 115 -4.60 -12.05 12.69
C GLU A 115 -5.52 -10.85 12.59
N ASN A 116 -5.11 -9.72 13.17
CA ASN A 116 -5.99 -8.55 13.30
C ASN A 116 -5.75 -7.49 12.24
N LEU A 117 -4.91 -7.79 11.25
CA LEU A 117 -4.54 -6.78 10.26
C LEU A 117 -5.74 -6.41 9.41
N THR A 118 -5.96 -5.12 9.22
CA THR A 118 -7.07 -4.64 8.43
C THR A 118 -6.64 -3.89 7.17
N HIS A 119 -5.51 -3.21 7.22
CA HIS A 119 -5.00 -2.46 6.08
C HIS A 119 -3.55 -2.79 5.76
N LEU A 120 -3.30 -3.24 4.52
CA LEU A 120 -1.94 -3.53 4.09
C LEU A 120 -1.59 -2.79 2.80
N ARG A 121 -0.60 -1.94 2.86
CA ARG A 121 -0.13 -1.24 1.68
C ARG A 121 1.35 -1.54 1.47
N VAL A 122 1.66 -2.30 0.41
CA VAL A 122 3.05 -2.66 0.10
C VAL A 122 3.31 -2.40 -1.39
N HIS A 123 2.63 -1.41 -1.96
CA HIS A 123 2.90 -0.99 -3.34
C HIS A 123 4.38 -0.66 -3.52
N ASN A 124 4.87 -0.78 -4.75
CA ASN A 124 6.23 -0.37 -5.10
C ASN A 124 7.26 -1.03 -4.17
N ASN A 125 7.27 -2.35 -4.22
CA ASN A 125 8.31 -3.15 -3.55
C ASN A 125 8.80 -4.15 -4.60
N ARG A 126 9.45 -5.21 -4.14
CA ARG A 126 10.00 -6.20 -5.05
C ARG A 126 9.42 -7.59 -4.75
N LEU A 127 8.14 -7.64 -4.39
CA LEU A 127 7.56 -8.89 -3.88
C LEU A 127 7.34 -9.88 -5.01
N HIS A 128 7.85 -11.10 -4.82
CA HIS A 128 7.60 -12.14 -5.79
C HIS A 128 6.51 -13.11 -5.33
N ILE A 129 6.08 -13.00 -4.07
CA ILE A 129 4.98 -13.80 -3.54
C ILE A 129 4.37 -13.02 -2.38
N LEU A 130 3.08 -13.33 -2.06
CA LEU A 130 2.46 -12.74 -0.88
C LEU A 130 2.14 -13.83 0.14
N PRO A 131 2.20 -13.50 1.43
CA PRO A 131 1.72 -14.43 2.46
C PRO A 131 0.21 -14.56 2.36
N LEU A 132 -0.32 -15.55 3.04
CA LEU A 132 -1.76 -15.73 3.08
C LEU A 132 -2.41 -14.54 3.75
N LEU A 133 -3.62 -14.23 3.32
CA LEU A 133 -4.29 -13.06 3.81
C LEU A 133 -5.20 -13.32 5.02
N PRO A 134 -5.00 -12.54 6.06
CA PRO A 134 -5.76 -12.74 7.30
C PRO A 134 -7.24 -12.38 7.19
N PRO A 135 -8.09 -12.93 8.08
CA PRO A 135 -9.55 -12.77 7.97
C PRO A 135 -10.22 -11.42 8.01
N GLU A 136 -9.67 -10.46 8.72
CA GLU A 136 -10.27 -9.16 8.85
C GLU A 136 -9.72 -8.10 7.88
N LEU A 137 -8.91 -8.53 6.94
CA LEU A 137 -8.33 -7.58 6.01
C LEU A 137 -9.40 -6.87 5.20
N LYS A 138 -9.29 -5.56 5.13
CA LYS A 138 -10.25 -4.74 4.41
C LYS A 138 -9.65 -4.07 3.21
N LEU A 139 -8.34 -3.85 3.27
CA LEU A 139 -7.65 -3.21 2.17
C LEU A 139 -6.34 -3.88 1.85
N LEU A 140 -6.14 -4.24 0.58
CA LEU A 140 -4.88 -4.81 0.15
C LEU A 140 -4.33 -4.05 -1.05
N VAL A 141 -3.15 -3.50 -0.91
CA VAL A 141 -2.50 -2.79 -1.99
C VAL A 141 -1.13 -3.41 -2.28
N VAL A 142 -0.99 -3.96 -3.48
CA VAL A 142 0.27 -4.58 -3.86
C VAL A 142 0.71 -4.12 -5.25
N SER A 143 0.20 -2.98 -5.71
CA SER A 143 0.58 -2.45 -7.03
C SER A 143 2.08 -2.34 -7.18
N GLY A 144 2.57 -2.61 -8.38
CA GLY A 144 3.98 -2.39 -8.66
C GLY A 144 4.94 -3.31 -7.95
N ASN A 145 4.68 -4.61 -8.01
CA ASN A 145 5.55 -5.63 -7.47
C ASN A 145 5.84 -6.62 -8.60
N ARG A 146 6.27 -7.83 -8.24
CA ARG A 146 6.64 -8.85 -9.21
C ARG A 146 5.82 -10.12 -9.01
N LEU A 147 4.54 -9.97 -8.69
CA LEU A 147 3.70 -11.11 -8.31
C LEU A 147 3.27 -11.92 -9.53
N ASP A 148 3.39 -13.25 -9.43
CA ASP A 148 2.82 -14.14 -10.45
C ASP A 148 1.44 -14.67 -10.09
N SER A 149 1.08 -14.64 -8.81
CA SER A 149 -0.19 -15.13 -8.33
C SER A 149 -0.55 -14.37 -7.07
N ILE A 150 -1.79 -14.51 -6.66
CA ILE A 150 -2.25 -13.82 -5.45
C ILE A 150 -3.09 -14.82 -4.67
N PRO A 151 -2.96 -14.87 -3.35
CA PRO A 151 -3.67 -15.89 -2.55
C PRO A 151 -5.16 -15.60 -2.49
N PRO A 152 -5.96 -16.55 -2.02
CA PRO A 152 -7.41 -16.31 -1.93
C PRO A 152 -7.76 -15.13 -1.03
N PHE A 153 -8.84 -14.43 -1.42
CA PHE A 153 -9.24 -13.19 -0.76
C PHE A 153 -10.19 -13.49 0.40
N PRO A 154 -9.99 -12.87 1.56
CA PRO A 154 -10.91 -13.04 2.68
C PRO A 154 -12.20 -12.26 2.47
N ASP A 155 -13.23 -12.62 3.24
CA ASP A 155 -14.60 -12.26 2.88
C ASP A 155 -15.07 -10.90 3.42
N LYS A 156 -14.17 -10.09 3.97
CA LYS A 156 -14.48 -8.70 4.29
C LYS A 156 -13.63 -7.73 3.50
N LEU A 157 -12.87 -8.21 2.51
CA LEU A 157 -11.97 -7.34 1.74
C LEU A 157 -12.79 -6.38 0.90
N GLU A 158 -12.53 -5.10 1.05
CA GLU A 158 -13.28 -4.07 0.33
C GLU A 158 -12.52 -3.40 -0.81
N GLY A 159 -11.23 -3.17 -0.62
CA GLY A 159 -10.40 -2.55 -1.64
C GLY A 159 -9.21 -3.37 -2.06
N LEU A 160 -9.00 -3.52 -3.35
CA LEU A 160 -7.89 -4.26 -3.88
C LEU A 160 -7.17 -3.49 -4.99
N ALA A 161 -5.85 -3.39 -4.89
CA ALA A 161 -5.08 -2.74 -5.91
C ALA A 161 -3.88 -3.60 -6.21
N LEU A 162 -3.77 -4.06 -7.44
CA LEU A 162 -2.65 -4.92 -7.79
C LEU A 162 -2.11 -4.57 -9.18
N ALA A 163 -2.34 -3.34 -9.66
CA ALA A 163 -1.88 -2.95 -10.98
C ALA A 163 -0.37 -3.12 -11.11
N ASN A 164 0.05 -3.46 -12.34
CA ASN A 164 1.46 -3.60 -12.70
C ASN A 164 2.12 -4.73 -11.91
N ASN A 165 1.54 -5.92 -12.06
CA ASN A 165 2.17 -7.16 -11.62
C ASN A 165 2.12 -8.13 -12.79
N PHE A 166 2.36 -9.42 -12.53
CA PHE A 166 2.36 -10.41 -13.60
C PHE A 166 1.29 -11.48 -13.35
N ILE A 167 0.20 -11.10 -12.71
CA ILE A 167 -0.75 -12.11 -12.24
C ILE A 167 -1.53 -12.68 -13.42
N GLU A 168 -1.64 -14.03 -13.47
CA GLU A 168 -2.25 -14.71 -14.59
C GLU A 168 -3.70 -15.12 -14.35
N GLN A 169 -4.10 -15.27 -13.10
CA GLN A 169 -5.45 -15.71 -12.78
C GLN A 169 -5.86 -14.97 -11.52
N LEU A 170 -7.10 -14.50 -11.48
CA LEU A 170 -7.57 -13.77 -10.32
C LEU A 170 -8.51 -14.65 -9.52
N PRO A 171 -8.28 -14.84 -8.23
CA PRO A 171 -9.23 -15.62 -7.43
C PRO A 171 -10.61 -14.96 -7.44
N GLU A 172 -11.63 -15.76 -7.09
CA GLU A 172 -12.99 -15.25 -6.97
C GLU A 172 -13.04 -14.08 -6.00
N LEU A 173 -13.87 -13.07 -6.34
CA LEU A 173 -13.89 -11.84 -5.56
C LEU A 173 -15.05 -11.84 -4.57
N PRO A 174 -14.84 -11.46 -3.31
CA PRO A 174 -15.94 -11.44 -2.35
C PRO A 174 -16.88 -10.28 -2.62
N PHE A 175 -18.16 -10.47 -2.24
CA PHE A 175 -19.15 -9.43 -2.48
C PHE A 175 -18.87 -8.15 -1.70
N SER A 176 -18.01 -8.22 -0.71
CA SER A 176 -17.60 -7.05 0.05
C SER A 176 -16.77 -6.07 -0.75
N MET A 177 -16.26 -6.51 -1.89
CA MET A 177 -15.37 -5.68 -2.67
C MET A 177 -16.03 -4.54 -3.42
N ASN A 178 -15.57 -3.34 -3.19
CA ASN A 178 -16.13 -2.21 -3.85
C ASN A 178 -15.16 -1.48 -4.76
N ARG A 179 -13.89 -1.86 -4.73
CA ARG A 179 -12.91 -1.25 -5.58
C ARG A 179 -11.83 -2.23 -5.98
N ALA A 180 -11.75 -2.54 -7.26
CA ALA A 180 -10.72 -3.42 -7.74
C ALA A 180 -9.89 -2.76 -8.84
N VAL A 181 -8.62 -2.52 -8.56
CA VAL A 181 -7.72 -1.87 -9.51
C VAL A 181 -6.86 -2.98 -10.02
N LEU A 182 -7.11 -3.42 -11.24
CA LEU A 182 -6.47 -4.63 -11.75
C LEU A 182 -5.61 -4.43 -12.99
N MET A 183 -5.26 -3.19 -13.35
CA MET A 183 -4.68 -2.97 -14.66
C MET A 183 -3.28 -3.59 -14.83
N ASN A 184 -2.95 -3.86 -16.09
CA ASN A 184 -1.58 -4.19 -16.49
C ASN A 184 -1.06 -5.40 -15.73
N ASN A 185 -1.85 -6.47 -15.76
CA ASN A 185 -1.45 -7.80 -15.35
C ASN A 185 -1.55 -8.70 -16.57
N ASN A 186 -1.50 -10.01 -16.35
CA ASN A 186 -1.49 -10.99 -17.44
C ASN A 186 -2.78 -11.79 -17.48
N LEU A 187 -3.89 -11.19 -17.03
CA LEU A 187 -5.17 -11.91 -16.99
C LEU A 187 -5.72 -12.12 -18.39
N THR A 188 -6.21 -13.33 -18.66
CA THR A 188 -6.92 -13.58 -19.92
C THR A 188 -8.40 -13.80 -19.73
N THR A 189 -8.85 -13.97 -18.48
CA THR A 189 -10.27 -14.08 -18.18
C THR A 189 -10.48 -13.42 -16.81
N LEU A 190 -11.74 -13.14 -16.50
CA LEU A 190 -12.09 -12.64 -15.19
C LEU A 190 -12.96 -13.66 -14.47
N PRO A 191 -12.82 -13.78 -13.14
CA PRO A 191 -13.74 -14.65 -12.40
C PRO A 191 -15.16 -14.14 -12.48
N GLU A 192 -16.10 -15.08 -12.61
CA GLU A 192 -17.51 -14.72 -12.79
C GLU A 192 -18.05 -13.90 -11.62
N SER A 193 -17.44 -14.05 -10.43
CA SER A 193 -17.88 -13.26 -9.28
C SER A 193 -17.70 -11.76 -9.49
N VAL A 194 -16.88 -11.34 -10.47
CA VAL A 194 -16.74 -9.90 -10.70
C VAL A 194 -18.06 -9.29 -11.12
N LEU A 195 -18.89 -10.05 -11.87
CA LEU A 195 -20.18 -9.54 -12.33
C LEU A 195 -21.21 -9.47 -11.21
N ARG A 196 -20.90 -10.01 -10.04
CA ARG A 196 -21.85 -10.03 -8.93
C ARG A 196 -21.53 -8.99 -7.87
N LEU A 197 -20.49 -8.20 -8.07
CA LEU A 197 -20.23 -7.12 -7.13
C LEU A 197 -21.37 -6.10 -7.21
N ALA A 198 -21.43 -5.24 -6.18
CA ALA A 198 -22.49 -4.24 -6.11
C ALA A 198 -22.46 -3.31 -7.32
N GLN A 199 -23.64 -2.78 -7.65
CA GLN A 199 -23.78 -1.95 -8.84
C GLN A 199 -22.86 -0.73 -8.79
N ASN A 200 -22.58 -0.24 -7.58
CA ASN A 200 -21.71 0.90 -7.39
C ASN A 200 -20.23 0.59 -7.20
N ALA A 201 -19.84 -0.65 -7.37
CA ALA A 201 -18.45 -1.02 -7.27
C ALA A 201 -17.70 -0.61 -8.49
N PHE A 202 -16.40 -0.47 -8.36
CA PHE A 202 -15.58 -0.05 -9.46
C PHE A 202 -14.52 -1.08 -9.78
N VAL A 203 -14.45 -1.49 -11.05
CA VAL A 203 -13.45 -2.43 -11.49
C VAL A 203 -12.73 -1.88 -12.71
N ASN A 204 -11.41 -1.91 -12.72
CA ASN A 204 -10.65 -1.49 -13.88
C ASN A 204 -9.70 -2.59 -14.30
N VAL A 205 -9.88 -3.11 -15.50
CA VAL A 205 -9.07 -4.23 -16.00
C VAL A 205 -8.24 -3.85 -17.22
N ALA A 206 -8.04 -2.54 -17.44
CA ALA A 206 -7.31 -2.10 -18.63
C ALA A 206 -5.91 -2.69 -18.66
N GLY A 207 -5.42 -2.99 -19.87
CA GLY A 207 -4.05 -3.45 -20.00
C GLY A 207 -3.84 -4.94 -19.80
N ASN A 208 -4.93 -5.73 -19.56
CA ASN A 208 -4.77 -7.17 -19.47
C ASN A 208 -5.08 -7.81 -20.80
N PRO A 209 -4.42 -8.92 -21.15
CA PRO A 209 -4.69 -9.63 -22.43
C PRO A 209 -5.96 -10.47 -22.38
N LEU A 210 -7.10 -9.82 -22.18
CA LEU A 210 -8.37 -10.55 -22.06
C LEU A 210 -8.72 -11.17 -23.41
N SER A 211 -9.11 -12.45 -23.38
CA SER A 211 -9.36 -13.15 -24.64
C SER A 211 -10.62 -12.64 -25.32
N GLY A 212 -10.77 -13.02 -26.60
CA GLY A 212 -12.01 -12.73 -27.32
C GLY A 212 -13.23 -13.30 -26.64
N HIS A 213 -13.13 -14.56 -26.21
CA HIS A 213 -14.28 -15.19 -25.54
C HIS A 213 -14.63 -14.47 -24.24
N THR A 214 -13.62 -14.04 -23.48
CA THR A 214 -13.87 -13.24 -22.28
C THR A 214 -14.57 -11.93 -22.62
N MET A 215 -14.09 -11.24 -23.65
CA MET A 215 -14.68 -9.94 -24.02
C MET A 215 -16.13 -10.11 -24.50
N ARG A 216 -16.41 -11.14 -25.30
CA ARG A 216 -17.79 -11.37 -25.74
C ARG A 216 -18.70 -11.68 -24.56
N THR A 217 -18.21 -12.48 -23.60
CA THR A 217 -18.98 -12.78 -22.42
C THR A 217 -19.25 -11.53 -21.60
N LEU A 218 -18.22 -10.72 -21.37
CA LEU A 218 -18.42 -9.49 -20.59
C LEU A 218 -19.31 -8.50 -21.33
N GLN A 219 -19.10 -8.33 -22.65
CA GLN A 219 -19.96 -7.40 -23.38
C GLN A 219 -21.42 -7.84 -23.29
N GLN A 220 -21.69 -9.15 -23.40
CA GLN A 220 -23.07 -9.60 -23.36
C GLN A 220 -23.74 -9.27 -22.03
N ILE A 221 -23.04 -9.51 -20.93
CA ILE A 221 -23.68 -9.37 -19.63
C ILE A 221 -23.78 -7.89 -19.24
N THR A 222 -22.69 -7.14 -19.39
CA THR A 222 -22.67 -5.77 -18.89
C THR A 222 -23.55 -4.83 -19.73
N THR A 223 -23.84 -5.19 -20.98
CA THR A 223 -24.72 -4.36 -21.81
C THR A 223 -26.15 -4.90 -21.88
N GLY A 224 -26.46 -5.95 -21.13
CA GLY A 224 -27.81 -6.47 -21.08
C GLY A 224 -28.75 -5.52 -20.35
N PRO A 225 -30.04 -5.58 -20.68
CA PRO A 225 -30.99 -4.61 -20.08
C PRO A 225 -31.12 -4.74 -18.57
N ASP A 226 -30.93 -5.93 -18.01
CA ASP A 226 -31.16 -6.19 -16.59
C ASP A 226 -29.87 -6.30 -15.79
N TYR A 227 -28.77 -5.73 -16.31
CA TYR A 227 -27.49 -5.81 -15.63
C TYR A 227 -27.46 -4.86 -14.44
N SER A 228 -27.07 -5.39 -13.27
CA SER A 228 -26.95 -4.60 -12.06
C SER A 228 -25.61 -4.83 -11.36
N GLY A 229 -24.61 -5.30 -12.11
CA GLY A 229 -23.29 -5.51 -11.57
C GLY A 229 -22.48 -4.25 -11.67
N PRO A 230 -21.18 -4.36 -11.41
CA PRO A 230 -20.34 -3.16 -11.32
C PRO A 230 -20.05 -2.57 -12.69
N ARG A 231 -19.48 -1.38 -12.64
CA ARG A 231 -19.03 -0.75 -13.85
C ARG A 231 -17.61 -1.26 -14.06
N ILE A 232 -17.34 -1.79 -15.22
CA ILE A 232 -16.05 -2.40 -15.55
C ILE A 232 -15.39 -1.56 -16.64
N PHE A 233 -14.20 -1.05 -16.35
CA PHE A 233 -13.45 -0.24 -17.31
C PHE A 233 -12.43 -1.12 -18.02
N PHE A 234 -12.47 -1.12 -19.35
CA PHE A 234 -11.52 -1.88 -20.16
C PHE A 234 -10.41 -1.02 -20.75
N SER A 235 -10.48 0.29 -20.57
CA SER A 235 -9.47 1.21 -21.08
C SER A 235 -9.15 2.27 -20.03
N PHE B 3 14.06 19.07 -13.98
CA PHE B 3 12.82 18.51 -14.51
C PHE B 3 13.09 17.47 -15.59
N GLY B 4 13.09 16.21 -15.21
CA GLY B 4 13.37 15.10 -16.11
C GLY B 4 12.12 14.37 -16.55
N ILE B 5 12.28 13.07 -16.81
CA ILE B 5 11.18 12.22 -17.25
C ILE B 5 10.52 11.59 -16.03
N GLN B 6 9.21 11.69 -15.95
CA GLN B 6 8.49 11.16 -14.81
C GLN B 6 7.45 10.17 -15.28
N PRO B 7 7.68 8.87 -14.99
CA PRO B 7 6.71 7.95 -15.56
C PRO B 7 5.43 7.86 -14.80
N CYS B 8 4.34 7.67 -15.52
CA CYS B 8 3.07 7.50 -14.86
C CYS B 8 3.19 6.23 -14.08
N SER B 9 2.61 6.18 -12.89
CA SER B 9 2.75 5.01 -12.04
C SER B 9 2.13 3.84 -12.75
N ILE B 10 1.03 4.10 -13.43
CA ILE B 10 0.34 3.05 -14.17
C ILE B 10 0.90 2.80 -15.56
N CYS B 11 0.97 3.84 -16.39
CA CYS B 11 1.30 3.63 -17.79
C CYS B 11 2.75 3.84 -18.21
N LEU B 12 3.63 4.10 -17.24
CA LEU B 12 5.05 4.29 -17.52
C LEU B 12 5.26 5.23 -18.65
N GLY B 13 4.32 6.16 -18.81
CA GLY B 13 4.42 7.02 -19.93
C GLY B 13 4.78 8.30 -19.32
N ASP B 14 5.78 8.95 -19.89
CA ASP B 14 6.02 10.29 -19.37
C ASP B 14 4.75 11.11 -19.40
N ALA B 15 4.23 11.42 -18.22
CA ALA B 15 3.01 12.20 -18.15
C ALA B 15 3.20 13.53 -18.83
N LYS B 16 2.24 13.93 -19.67
CA LYS B 16 2.32 15.23 -20.31
C LYS B 16 2.24 16.32 -19.26
N ASP B 17 1.35 16.14 -18.30
CA ASP B 17 1.19 17.09 -17.21
C ASP B 17 1.24 16.29 -15.92
N PRO B 18 2.44 15.97 -15.44
CA PRO B 18 2.50 15.11 -14.25
C PRO B 18 1.83 15.74 -13.05
N VAL B 19 1.02 14.97 -12.34
CA VAL B 19 0.39 15.48 -11.14
C VAL B 19 0.85 14.64 -9.95
N CYS B 20 1.38 15.31 -8.94
CA CYS B 20 1.84 14.59 -7.76
C CYS B 20 0.80 14.66 -6.67
N LEU B 21 0.18 13.53 -6.34
CA LEU B 21 -0.80 13.51 -5.28
C LEU B 21 -0.13 13.61 -3.93
N PRO B 22 -0.91 13.83 -2.89
CA PRO B 22 -0.29 14.04 -1.58
C PRO B 22 0.51 12.83 -1.10
N CYS B 23 0.20 11.65 -1.61
CA CYS B 23 0.92 10.45 -1.21
C CYS B 23 2.16 10.29 -2.06
N ASP B 24 2.60 11.37 -2.67
CA ASP B 24 3.81 11.36 -3.52
C ASP B 24 3.77 10.32 -4.63
N HIS B 25 2.61 10.09 -5.24
CA HIS B 25 2.54 9.22 -6.38
C HIS B 25 2.14 10.02 -7.63
N VAL B 26 2.86 9.84 -8.72
CA VAL B 26 2.63 10.66 -9.91
C VAL B 26 1.89 9.95 -11.00
N HIS B 27 0.93 10.63 -11.62
CA HIS B 27 0.14 10.05 -12.69
C HIS B 27 -0.10 11.10 -13.76
N CYS B 28 -0.51 10.70 -14.95
CA CYS B 28 -0.86 11.72 -15.97
C CYS B 28 -2.14 12.46 -15.62
N LEU B 29 -2.19 13.75 -15.91
CA LEU B 29 -3.37 14.58 -15.62
C LEU B 29 -4.64 14.05 -16.22
N ARG B 30 -4.54 13.53 -17.42
CA ARG B 30 -5.70 13.01 -18.08
C ARG B 30 -6.16 11.78 -17.36
N CYS B 31 -5.23 10.93 -16.99
CA CYS B 31 -5.60 9.68 -16.35
C CYS B 31 -6.31 9.96 -15.04
N LEU B 32 -5.82 10.92 -14.30
CA LEU B 32 -6.48 11.27 -13.07
C LEU B 32 -7.86 11.81 -13.30
N ARG B 33 -8.02 12.65 -14.30
CA ARG B 33 -9.32 13.24 -14.56
C ARG B 33 -10.28 12.13 -14.89
N ALA B 34 -9.83 11.15 -15.67
CA ALA B 34 -10.67 10.00 -16.01
C ALA B 34 -11.12 9.19 -14.81
N TRP B 35 -10.25 8.99 -13.83
CA TRP B 35 -10.65 8.31 -12.58
C TRP B 35 -11.59 9.15 -11.75
N PHE B 36 -11.31 10.44 -11.68
CA PHE B 36 -12.12 11.31 -10.86
C PHE B 36 -13.48 11.52 -11.51
N ALA B 37 -13.57 11.33 -12.82
CA ALA B 37 -14.85 11.43 -13.51
C ALA B 37 -15.83 10.39 -13.03
N SER B 38 -15.35 9.25 -12.55
CA SER B 38 -16.22 8.21 -11.99
C SER B 38 -16.39 8.36 -10.48
N GLU B 39 -15.97 9.50 -9.92
CA GLU B 39 -16.11 9.80 -8.49
C GLU B 39 -15.27 8.88 -7.62
N GLN B 40 -14.12 8.44 -8.16
CA GLN B 40 -13.15 7.63 -7.40
C GLN B 40 -12.05 8.61 -6.98
N MET B 41 -12.24 9.28 -5.86
CA MET B 41 -11.31 10.31 -5.42
C MET B 41 -10.24 9.68 -4.54
N ILE B 42 -9.37 8.92 -5.20
CA ILE B 42 -8.32 8.17 -4.54
C ILE B 42 -7.08 8.13 -5.43
N CYS B 43 -5.94 7.81 -4.82
CA CYS B 43 -4.77 7.43 -5.59
C CYS B 43 -4.99 6.02 -6.14
N PRO B 44 -4.97 5.83 -7.47
CA PRO B 44 -5.18 4.47 -8.01
C PRO B 44 -4.08 3.50 -7.63
N TYR B 45 -2.88 3.97 -7.27
CA TYR B 45 -1.78 3.05 -6.98
C TYR B 45 -1.76 2.59 -5.55
N CYS B 46 -2.02 3.48 -4.59
CA CYS B 46 -1.99 3.06 -3.18
C CYS B 46 -3.33 3.19 -2.47
N LEU B 47 -4.40 3.58 -3.18
CA LEU B 47 -5.76 3.65 -2.62
C LEU B 47 -5.82 4.47 -1.33
N THR B 48 -5.12 5.60 -1.33
CA THR B 48 -5.25 6.59 -0.27
C THR B 48 -6.22 7.66 -0.73
N ALA B 49 -7.27 7.89 0.06
CA ALA B 49 -8.32 8.82 -0.31
C ALA B 49 -7.79 10.25 -0.38
N LEU B 50 -8.45 11.05 -1.20
CA LEU B 50 -8.11 12.44 -1.44
C LEU B 50 -9.11 13.37 -0.78
N PRO B 51 -8.72 14.62 -0.49
CA PRO B 51 -9.66 15.57 0.09
C PRO B 51 -10.89 15.80 -0.78
N ASP B 52 -11.96 16.27 -0.13
CA ASP B 52 -13.22 16.48 -0.82
C ASP B 52 -13.08 17.55 -1.90
N GLU B 53 -13.77 17.33 -3.02
CA GLU B 53 -13.75 18.23 -4.18
C GLU B 53 -12.35 18.41 -4.74
N PHE B 54 -11.47 17.43 -4.52
CA PHE B 54 -10.08 17.53 -4.94
C PHE B 54 -9.99 17.79 -6.44
N SER B 55 -9.08 18.69 -6.82
CA SER B 55 -8.87 19.05 -8.22
C SER B 55 -7.38 18.97 -8.52
N PRO B 56 -6.99 18.24 -9.59
CA PRO B 56 -5.58 18.09 -9.98
C PRO B 56 -5.00 19.34 -10.64
ZN ZN C . -0.59 6.97 -3.81
ZN ZN D . -1.16 7.97 -17.04
#